data_4JNZ
#
_entry.id   4JNZ
#
_cell.length_a   72.797
_cell.length_b   140.549
_cell.length_c   146.951
_cell.angle_alpha   90.000
_cell.angle_beta   90.000
_cell.angle_gamma   90.000
#
_symmetry.space_group_name_H-M   'I 2 2 2'
#
loop_
_entity.id
_entity.type
_entity.pdbx_description
1 polymer 'Bifunctional protein PutA'
2 non-polymer 'FLAVIN-ADENINE DINUCLEOTIDE'
3 non-polymer 'TETRAHYDROFURAN-2-CARBOXYLIC ACID'
4 non-polymer 'PENTAETHYLENE GLYCOL'
5 water water
#
_entity_poly.entity_id   1
_entity_poly.type   'polypeptide(L)'
_entity_poly.pdbx_seq_one_letter_code
;LPQSVSRAAITAAYRRPETEAVSMLLEQARLPQPVAEQAHKLAYQLADKLRNQKNASGRAGMVQGLLQEFSLSSQEGVAL
MCLAEALLRIPDKATRDALIRDKISNGNWQSHIGRSPSLFVNAATWGLLFTGKLVSTHNEASLSRSLNRIIGKSGEPLIR
KGVDMAMRLMGEQFVTGETIAEALANARKLEEKGFRYSYDMLGEAALTAADAQAYMVSYQQAIHAIGKASNGRGIYEGPG
ISIKLSALHPRYSRAQYDRVMEELYPRLKSLTLLARQYDIGININAEESDRLEISLDLLEKLCFEPELAGWNGIGFVIQA
YQKRCPLVIDYLIDLATRSRRRLMIRLVKGAYWDSEIKRAQMDGLEGYPVYTRKVYTDVSYLACAKKLLAVPNLIYPQFA
THNAHTLAAIYQLAGQNYYPGQYEFQCLHGMGEPLYEQVTGKVADGKLNRPCRIYAPVGTHETLLAYLVRRLLENGANTS
FVNRIADTSLPLDELVADPVTAVEKLAQQEGQTGLPHPKIPLPRDLYGHGRDNSAGLDLANEHRLASLSSALLNSALQKW
QALPMLEQPVAAGEMSPVINPAEPSSSVDKLAAALEHHHHHH
;
_entity_poly.pdbx_strand_id   A
#
loop_
_chem_comp.id
_chem_comp.type
_chem_comp.name
_chem_comp.formula
1PE non-polymer 'PENTAETHYLENE GLYCOL' 'C10 H22 O6'
FAD non-polymer 'FLAVIN-ADENINE DINUCLEOTIDE' 'C27 H33 N9 O15 P2'
TFB non-polymer 'TETRAHYDROFURAN-2-CARBOXYLIC ACID' 'C5 H8 O3'
#
# COMPACT_ATOMS: atom_id res chain seq x y z
N PRO A 2 0.30 -35.74 1.43
CA PRO A 2 0.16 -35.01 2.70
C PRO A 2 1.06 -33.78 2.76
N GLN A 3 0.47 -32.62 3.07
CA GLN A 3 1.27 -31.40 3.18
C GLN A 3 2.11 -31.43 4.44
N SER A 4 3.13 -30.58 4.49
CA SER A 4 3.87 -30.38 5.72
C SER A 4 2.93 -29.81 6.78
N VAL A 5 3.35 -29.84 8.04
CA VAL A 5 2.52 -29.33 9.13
C VAL A 5 2.15 -27.85 8.89
N SER A 6 3.11 -27.06 8.42
CA SER A 6 2.85 -25.64 8.21
C SER A 6 1.99 -25.36 6.97
N ARG A 7 2.25 -26.08 5.88
CA ARG A 7 1.43 -25.91 4.68
C ARG A 7 -0.02 -26.37 4.91
N ALA A 8 -0.20 -27.41 5.70
CA ALA A 8 -1.55 -27.89 6.00
C ALA A 8 -2.35 -26.90 6.84
N ALA A 9 -1.66 -26.17 7.71
CA ALA A 9 -2.30 -25.20 8.59
C ALA A 9 -2.77 -23.99 7.79
N ILE A 10 -2.02 -23.63 6.75
CA ILE A 10 -2.43 -22.57 5.83
C ILE A 10 -3.74 -22.97 5.16
N THR A 11 -3.77 -24.18 4.61
CA THR A 11 -4.97 -24.68 3.92
C THR A 11 -6.20 -24.66 4.82
N ALA A 12 -6.03 -25.07 6.07
CA ALA A 12 -7.15 -25.17 7.01
C ALA A 12 -7.73 -23.79 7.36
N ALA A 13 -6.91 -22.76 7.29
CA ALA A 13 -7.33 -21.41 7.67
C ALA A 13 -7.93 -20.59 6.51
N TYR A 14 -7.94 -21.18 5.31
CA TYR A 14 -8.32 -20.48 4.07
C TYR A 14 -9.53 -19.52 4.23
N ARG A 15 -10.68 -20.05 4.66
CA ARG A 15 -11.90 -19.25 4.82
C ARG A 15 -12.48 -19.39 6.23
N ARG A 16 -11.60 -19.36 7.23
CA ARG A 16 -11.97 -19.42 8.64
C ARG A 16 -13.03 -18.38 8.98
N PRO A 17 -14.06 -18.77 9.75
CA PRO A 17 -15.08 -17.79 10.15
C PRO A 17 -14.43 -16.55 10.76
N GLU A 18 -14.97 -15.38 10.50
CA GLU A 18 -14.35 -14.15 10.98
C GLU A 18 -14.33 -14.02 12.49
N THR A 19 -15.39 -14.47 13.15
CA THR A 19 -15.44 -14.42 14.60
C THR A 19 -14.23 -15.14 15.17
N GLU A 20 -13.96 -16.34 14.64
CA GLU A 20 -12.84 -17.17 15.07
C GLU A 20 -11.49 -16.54 14.73
N ALA A 21 -11.31 -16.10 13.50
CA ALA A 21 -10.01 -15.59 13.07
C ALA A 21 -9.61 -14.32 13.82
N VAL A 22 -10.57 -13.41 13.98
CA VAL A 22 -10.32 -12.17 14.69
C VAL A 22 -10.05 -12.41 16.17
N SER A 23 -10.87 -13.26 16.79
CA SER A 23 -10.70 -13.59 18.20
C SER A 23 -9.29 -14.12 18.48
N MET A 24 -8.77 -14.94 17.57
CA MET A 24 -7.42 -15.50 17.75
C MET A 24 -6.30 -14.49 17.57
N LEU A 25 -6.54 -13.43 16.80
CA LEU A 25 -5.50 -12.44 16.50
C LEU A 25 -5.35 -11.40 17.62
N LEU A 26 -6.42 -11.20 18.38
CA LEU A 26 -6.53 -10.03 19.23
C LEU A 26 -5.36 -9.88 20.20
N GLU A 27 -5.10 -10.91 20.98
CA GLU A 27 -4.05 -10.80 21.99
C GLU A 27 -2.65 -10.76 21.38
N GLN A 28 -2.48 -11.29 20.17
CA GLN A 28 -1.20 -11.16 19.46
C GLN A 28 -1.03 -9.75 18.90
N ALA A 29 -2.15 -9.09 18.61
CA ALA A 29 -2.09 -7.73 18.05
C ALA A 29 -2.04 -6.64 19.13
N ARG A 30 -2.44 -6.98 20.35
CA ARG A 30 -2.54 -5.97 21.40
C ARG A 30 -1.18 -5.42 21.80
N LEU A 31 -1.04 -4.10 21.77
CA LEU A 31 0.18 -3.45 22.24
C LEU A 31 0.14 -3.30 23.75
N PRO A 32 1.22 -3.69 24.45
CA PRO A 32 1.28 -3.44 25.90
C PRO A 32 1.09 -1.95 26.18
N GLN A 33 0.41 -1.63 27.28
CA GLN A 33 0.05 -0.24 27.63
C GLN A 33 1.12 0.85 27.35
N PRO A 34 2.37 0.64 27.80
CA PRO A 34 3.38 1.69 27.56
C PRO A 34 3.65 1.86 26.08
N VAL A 35 3.77 0.74 25.37
CA VAL A 35 4.01 0.74 23.94
C VAL A 35 2.83 1.38 23.21
N ALA A 36 1.62 1.03 23.65
CA ALA A 36 0.41 1.57 23.05
C ALA A 36 0.35 3.08 23.20
N GLU A 37 0.76 3.58 24.36
CA GLU A 37 0.73 5.00 24.65
C GLU A 37 1.75 5.76 23.82
N GLN A 38 2.93 5.17 23.66
CA GLN A 38 3.96 5.77 22.81
C GLN A 38 3.56 5.71 21.35
N ALA A 39 2.95 4.61 20.94
CA ALA A 39 2.46 4.49 19.56
C ALA A 39 1.42 5.57 19.26
N HIS A 40 0.52 5.81 20.20
CA HIS A 40 -0.51 6.83 20.00
C HIS A 40 0.10 8.23 19.86
N LYS A 41 1.02 8.58 20.75
CA LYS A 41 1.63 9.90 20.72
C LYS A 41 2.36 10.13 19.41
N LEU A 42 3.13 9.14 18.97
CA LEU A 42 3.85 9.25 17.70
C LEU A 42 2.88 9.31 16.51
N ALA A 43 1.89 8.44 16.51
CA ALA A 43 0.90 8.41 15.44
C ALA A 43 0.19 9.75 15.32
N TYR A 44 -0.19 10.32 16.46
CA TYR A 44 -0.86 11.61 16.51
C TYR A 44 0.04 12.70 15.91
N GLN A 45 1.31 12.69 16.33
CA GLN A 45 2.27 13.70 15.90
CA GLN A 45 2.27 13.70 15.89
C GLN A 45 2.50 13.64 14.38
N LEU A 46 2.68 12.43 13.87
CA LEU A 46 2.84 12.22 12.43
C LEU A 46 1.62 12.72 11.65
N ALA A 47 0.44 12.33 12.10
CA ALA A 47 -0.78 12.69 11.40
C ALA A 47 -1.05 14.19 11.51
N ASP A 48 -0.65 14.80 12.61
CA ASP A 48 -0.84 16.24 12.81
C ASP A 48 0.01 17.03 11.82
N LYS A 49 1.29 16.70 11.74
CA LYS A 49 2.21 17.37 10.82
C LYS A 49 1.80 17.15 9.37
N LEU A 50 1.28 15.96 9.09
CA LEU A 50 0.87 15.59 7.73
C LEU A 50 -0.34 16.41 7.28
N ARG A 51 -1.38 16.39 8.10
CA ARG A 51 -2.62 17.08 7.80
C ARG A 51 -2.40 18.59 7.75
N ASN A 52 -1.53 19.08 8.62
CA ASN A 52 -1.44 20.50 8.87
C ASN A 52 -0.16 21.17 8.38
N GLN A 53 0.49 20.51 7.43
CA GLN A 53 1.45 21.18 6.59
C GLN A 53 0.64 22.16 5.76
N LYS A 54 1.17 23.37 5.58
CA LYS A 54 0.45 24.46 4.92
C LYS A 54 -0.83 24.88 5.67
N ASN A 55 -0.92 24.49 6.95
CA ASN A 55 -1.92 25.01 7.88
C ASN A 55 -3.38 24.72 7.50
N ALA A 56 -3.62 23.53 6.97
CA ALA A 56 -4.95 23.15 6.49
C ALA A 56 -6.07 23.28 7.55
N SER A 57 -5.92 22.61 8.68
CA SER A 57 -6.93 22.68 9.74
C SER A 57 -7.06 24.09 10.31
N GLY A 58 -5.92 24.75 10.52
CA GLY A 58 -5.92 26.12 11.02
C GLY A 58 -6.64 27.07 10.08
N ARG A 59 -6.43 26.89 8.78
CA ARG A 59 -7.11 27.72 7.78
C ARG A 59 -8.59 27.40 7.71
N ALA A 60 -8.93 26.12 7.76
CA ALA A 60 -10.33 25.68 7.76
C ALA A 60 -11.06 26.22 8.99
N GLY A 61 -10.32 26.35 10.10
CA GLY A 61 -10.87 26.87 11.34
C GLY A 61 -11.27 28.33 11.26
N MET A 62 -10.37 29.18 10.77
CA MET A 62 -10.65 30.60 10.60
C MET A 62 -11.86 30.80 9.69
N VAL A 63 -11.92 30.00 8.64
CA VAL A 63 -13.02 30.03 7.67
C VAL A 63 -14.37 29.70 8.33
N GLN A 64 -14.36 28.74 9.26
CA GLN A 64 -15.56 28.42 10.02
C GLN A 64 -15.97 29.58 10.93
N GLY A 65 -14.99 30.13 11.65
CA GLY A 65 -15.24 31.18 12.62
C GLY A 65 -15.89 32.44 12.07
N LEU A 66 -15.58 32.78 10.83
CA LEU A 66 -16.26 33.87 10.14
C LEU A 66 -17.63 33.38 9.70
N LEU A 67 -17.65 32.26 8.98
CA LEU A 67 -18.88 31.64 8.49
C LEU A 67 -19.85 31.28 9.61
N GLN A 68 -19.35 31.27 10.86
CA GLN A 68 -20.21 31.08 12.02
C GLN A 68 -20.68 32.43 12.58
N GLU A 69 -19.72 33.31 12.84
CA GLU A 69 -20.01 34.63 13.43
C GLU A 69 -21.13 35.40 12.74
N PHE A 70 -20.84 36.04 11.62
CA PHE A 70 -21.84 36.79 10.87
C PHE A 70 -22.93 35.89 10.25
N SER A 71 -23.20 34.77 10.91
CA SER A 71 -24.22 33.80 10.49
C SER A 71 -24.31 33.65 8.98
N LEU A 72 -23.16 33.43 8.35
CA LEU A 72 -23.09 33.34 6.90
C LEU A 72 -23.06 31.89 6.45
N SER A 73 -23.48 31.66 5.21
CA SER A 73 -23.36 30.34 4.61
C SER A 73 -22.00 30.23 3.94
N SER A 74 -21.77 29.10 3.28
CA SER A 74 -20.57 28.90 2.48
C SER A 74 -20.49 29.95 1.36
N GLN A 75 -21.27 29.74 0.29
CA GLN A 75 -21.28 30.61 -0.88
C GLN A 75 -21.22 32.10 -0.57
N GLU A 76 -21.80 32.50 0.56
CA GLU A 76 -21.63 33.85 1.07
C GLU A 76 -20.16 34.13 1.39
N GLY A 77 -19.56 33.25 2.19
CA GLY A 77 -18.14 33.35 2.54
C GLY A 77 -17.24 33.56 1.34
N VAL A 78 -17.38 32.69 0.34
CA VAL A 78 -16.70 32.85 -0.96
C VAL A 78 -16.89 34.25 -1.49
N ALA A 79 -18.15 34.65 -1.64
CA ALA A 79 -18.52 35.96 -2.14
C ALA A 79 -17.83 37.09 -1.35
N LEU A 80 -17.76 36.92 -0.04
CA LEU A 80 -17.10 37.90 0.82
C LEU A 80 -15.58 37.93 0.57
N MET A 81 -15.00 36.75 0.40
CA MET A 81 -13.55 36.65 0.12
C MET A 81 -13.21 37.26 -1.23
N CYS A 82 -14.08 37.04 -2.21
CA CYS A 82 -13.88 37.58 -3.55
C CYS A 82 -13.84 39.10 -3.52
N LEU A 83 -14.76 39.70 -2.76
CA LEU A 83 -14.75 41.15 -2.56
C LEU A 83 -13.50 41.59 -1.80
N ALA A 84 -13.19 40.88 -0.71
CA ALA A 84 -12.03 41.20 0.11
C ALA A 84 -10.75 41.21 -0.71
N GLU A 85 -10.60 40.20 -1.57
CA GLU A 85 -9.46 40.10 -2.47
C GLU A 85 -9.41 41.32 -3.39
N ALA A 86 -10.57 41.72 -3.91
CA ALA A 86 -10.64 42.87 -4.80
C ALA A 86 -10.28 44.17 -4.08
N LEU A 87 -10.64 44.28 -2.81
CA LEU A 87 -10.33 45.48 -2.04
C LEU A 87 -8.84 45.53 -1.70
N LEU A 88 -8.25 44.37 -1.53
CA LEU A 88 -6.82 44.29 -1.19
C LEU A 88 -5.93 44.64 -2.38
N ARG A 89 -6.51 44.60 -3.58
CA ARG A 89 -5.79 44.94 -4.81
C ARG A 89 -5.81 46.44 -5.09
N ILE A 90 -6.50 47.20 -4.25
CA ILE A 90 -6.42 48.66 -4.31
C ILE A 90 -5.12 49.08 -3.65
N PRO A 91 -4.21 49.67 -4.45
CA PRO A 91 -2.81 49.96 -4.07
C PRO A 91 -2.67 50.83 -2.83
N ASP A 92 -3.51 51.87 -2.72
CA ASP A 92 -3.39 52.81 -1.61
C ASP A 92 -4.50 52.63 -0.56
N LYS A 93 -4.09 52.49 0.70
CA LYS A 93 -4.99 52.14 1.78
C LYS A 93 -6.06 53.21 2.04
N ALA A 94 -5.68 54.47 1.87
CA ALA A 94 -6.62 55.58 2.06
C ALA A 94 -7.75 55.47 1.06
N THR A 95 -7.38 55.24 -0.20
CA THR A 95 -8.35 55.06 -1.27
C THR A 95 -9.27 53.88 -0.95
N ARG A 96 -8.69 52.79 -0.44
CA ARG A 96 -9.43 51.59 -0.09
C ARG A 96 -10.40 51.82 1.06
N ASP A 97 -9.93 52.44 2.13
CA ASP A 97 -10.76 52.70 3.31
C ASP A 97 -11.92 53.65 2.97
N ALA A 98 -11.63 54.68 2.19
CA ALA A 98 -12.64 55.65 1.79
C ALA A 98 -13.68 55.00 0.88
N LEU A 99 -13.25 54.07 0.04
CA LEU A 99 -14.17 53.33 -0.83
C LEU A 99 -15.13 52.48 -0.01
N ILE A 100 -14.58 51.73 0.95
CA ILE A 100 -15.37 50.90 1.85
C ILE A 100 -16.44 51.71 2.59
N ARG A 101 -16.03 52.85 3.13
CA ARG A 101 -16.87 53.64 4.01
C ARG A 101 -17.83 54.61 3.30
N ASP A 102 -17.72 54.69 1.97
CA ASP A 102 -18.62 55.55 1.20
C ASP A 102 -19.35 54.77 0.11
N LEU A 119 -22.18 11.82 -9.29
CA LEU A 119 -21.39 11.57 -10.49
C LEU A 119 -20.45 12.75 -10.75
N PHE A 120 -20.91 13.95 -10.41
CA PHE A 120 -20.17 15.18 -10.66
C PHE A 120 -19.71 15.77 -9.33
N VAL A 121 -19.29 14.89 -8.44
CA VAL A 121 -18.79 15.27 -7.13
C VAL A 121 -17.57 16.17 -7.28
N ASN A 122 -16.50 15.61 -7.85
CA ASN A 122 -15.24 16.32 -8.01
C ASN A 122 -15.14 17.17 -9.26
N ALA A 123 -16.28 17.65 -9.77
CA ALA A 123 -16.31 18.48 -10.97
C ALA A 123 -15.45 19.74 -10.79
N ALA A 124 -15.36 20.22 -9.56
CA ALA A 124 -14.51 21.35 -9.22
C ALA A 124 -13.05 21.04 -9.55
N THR A 125 -12.51 19.98 -8.94
CA THR A 125 -11.12 19.57 -9.17
C THR A 125 -10.82 19.33 -10.65
N TRP A 126 -11.76 18.71 -11.35
CA TRP A 126 -11.64 18.50 -12.80
C TRP A 126 -11.71 19.83 -13.56
N GLY A 127 -12.18 20.88 -12.89
CA GLY A 127 -12.30 22.20 -13.49
C GLY A 127 -10.96 22.89 -13.70
N LEU A 128 -10.11 22.86 -12.67
CA LEU A 128 -8.78 23.47 -12.71
C LEU A 128 -7.95 23.02 -13.92
N LEU A 129 -8.42 21.97 -14.58
CA LEU A 129 -7.76 21.44 -15.77
C LEU A 129 -8.20 22.14 -17.05
N PHE A 130 -9.40 22.69 -17.04
CA PHE A 130 -9.97 23.32 -18.23
C PHE A 130 -9.87 24.85 -18.16
N ALA A 141 -26.67 18.52 -12.65
CA ALA A 141 -27.88 19.18 -13.10
C ALA A 141 -27.70 19.75 -14.51
N SER A 142 -27.00 20.87 -14.60
CA SER A 142 -26.59 21.42 -15.88
C SER A 142 -25.56 20.48 -16.49
N LEU A 143 -24.87 19.76 -15.62
CA LEU A 143 -23.85 18.78 -16.03
C LEU A 143 -24.47 17.50 -16.58
N SER A 144 -25.47 16.97 -15.88
CA SER A 144 -26.17 15.76 -16.29
C SER A 144 -26.68 15.86 -17.72
N ARG A 145 -27.45 16.91 -18.00
CA ARG A 145 -27.96 17.18 -19.34
C ARG A 145 -26.81 17.32 -20.35
N SER A 146 -25.75 18.02 -19.95
CA SER A 146 -24.58 18.20 -20.79
C SER A 146 -23.93 16.86 -21.15
N LEU A 147 -24.00 15.91 -20.22
CA LEU A 147 -23.49 14.56 -20.46
C LEU A 147 -24.41 13.78 -21.40
N ASN A 148 -25.72 13.89 -21.17
CA ASN A 148 -26.72 13.18 -21.99
C ASN A 148 -26.58 13.43 -23.48
N ARG A 149 -26.18 14.65 -23.84
CA ARG A 149 -25.99 15.03 -25.23
C ARG A 149 -24.96 14.17 -25.98
N ILE A 150 -23.69 14.32 -25.62
CA ILE A 150 -22.58 13.73 -26.38
C ILE A 150 -22.55 12.20 -26.35
N ILE A 151 -23.12 11.63 -25.29
CA ILE A 151 -23.35 10.18 -25.24
C ILE A 151 -24.51 9.86 -26.18
N PRO A 157 -18.40 5.61 -27.20
CA PRO A 157 -17.29 5.80 -28.14
C PRO A 157 -16.43 7.00 -27.76
N LEU A 158 -17.07 8.07 -27.30
CA LEU A 158 -16.35 9.16 -26.66
C LEU A 158 -16.19 8.78 -25.18
N ILE A 159 -16.96 7.79 -24.76
CA ILE A 159 -16.83 7.20 -23.43
C ILE A 159 -15.50 6.45 -23.31
N ARG A 160 -15.18 5.65 -24.33
CA ARG A 160 -13.92 4.90 -24.36
C ARG A 160 -12.73 5.86 -24.36
N LYS A 161 -12.90 7.01 -25.01
CA LYS A 161 -11.86 8.03 -25.06
C LYS A 161 -11.80 8.82 -23.77
N GLY A 162 -12.94 9.02 -23.13
CA GLY A 162 -12.99 9.68 -21.83
C GLY A 162 -12.26 8.84 -20.78
N VAL A 163 -12.62 7.55 -20.74
CA VAL A 163 -12.02 6.59 -19.81
C VAL A 163 -10.48 6.51 -19.93
N ASP A 164 -9.98 6.46 -21.17
CA ASP A 164 -8.54 6.36 -21.38
C ASP A 164 -7.83 7.64 -20.93
N MET A 165 -8.44 8.78 -21.20
CA MET A 165 -7.85 10.06 -20.86
C MET A 165 -7.87 10.33 -19.35
N ALA A 166 -8.99 10.03 -18.71
CA ALA A 166 -9.09 10.20 -17.26
C ALA A 166 -8.11 9.27 -16.55
N MET A 167 -7.89 8.09 -17.14
CA MET A 167 -6.90 7.14 -16.62
C MET A 167 -5.50 7.75 -16.61
N ARG A 168 -5.10 8.34 -17.73
CA ARG A 168 -3.77 8.93 -17.83
C ARG A 168 -3.61 10.13 -16.91
N LEU A 169 -4.62 10.98 -16.90
CA LEU A 169 -4.60 12.18 -16.06
C LEU A 169 -4.47 11.83 -14.59
N MET A 170 -5.29 10.89 -14.12
CA MET A 170 -5.24 10.49 -12.72
C MET A 170 -4.04 9.58 -12.39
N GLY A 171 -3.57 8.82 -13.37
CA GLY A 171 -2.55 7.81 -13.12
C GLY A 171 -1.13 8.35 -13.11
N GLU A 172 -0.96 9.52 -13.71
CA GLU A 172 0.36 10.15 -13.82
C GLU A 172 1.10 10.29 -12.48
N GLN A 173 0.38 10.69 -11.45
CA GLN A 173 1.00 10.92 -10.13
C GLN A 173 1.58 9.63 -9.54
N PHE A 174 1.12 8.48 -10.04
CA PHE A 174 1.57 7.20 -9.49
C PHE A 174 2.71 6.55 -10.26
N VAL A 175 3.09 7.15 -11.38
CA VAL A 175 4.12 6.57 -12.25
C VAL A 175 5.45 7.34 -12.13
N THR A 176 6.56 6.62 -12.03
CA THR A 176 7.86 7.26 -11.83
C THR A 176 8.59 7.57 -13.14
N GLY A 177 8.28 6.80 -14.18
CA GLY A 177 8.86 7.01 -15.49
C GLY A 177 8.24 6.10 -16.53
N GLU A 178 8.39 6.45 -17.81
CA GLU A 178 7.85 5.62 -18.90
C GLU A 178 8.76 4.42 -19.16
N THR A 179 10.05 4.60 -18.90
CA THR A 179 11.06 3.57 -19.11
C THR A 179 11.95 3.44 -17.88
N ILE A 180 12.64 2.31 -17.73
CA ILE A 180 13.41 2.08 -16.52
C ILE A 180 14.59 3.05 -16.43
N ALA A 181 15.17 3.39 -17.58
CA ALA A 181 16.29 4.34 -17.60
C ALA A 181 15.84 5.68 -17.02
N GLU A 182 14.66 6.12 -17.44
CA GLU A 182 14.09 7.38 -16.96
C GLU A 182 13.80 7.33 -15.45
N ALA A 183 13.15 6.27 -15.00
CA ALA A 183 12.89 6.10 -13.57
C ALA A 183 14.17 6.11 -12.75
N LEU A 184 15.18 5.40 -13.24
CA LEU A 184 16.44 5.26 -12.50
C LEU A 184 17.22 6.58 -12.44
N ALA A 185 17.13 7.37 -13.51
CA ALA A 185 17.83 8.66 -13.57
C ALA A 185 17.20 9.71 -12.64
N ASN A 186 16.09 9.35 -12.02
CA ASN A 186 15.41 10.23 -11.07
C ASN A 186 15.60 9.76 -9.62
N ALA A 187 16.46 8.76 -9.43
CA ALA A 187 16.55 8.08 -8.14
C ALA A 187 17.42 8.80 -7.12
N ARG A 188 18.42 9.53 -7.61
CA ARG A 188 19.44 10.12 -6.74
C ARG A 188 18.89 11.03 -5.66
N LYS A 189 17.95 11.90 -6.02
CA LYS A 189 17.40 12.91 -5.13
C LYS A 189 16.96 12.36 -3.77
N LEU A 190 16.18 11.28 -3.79
CA LEU A 190 15.67 10.69 -2.56
C LEU A 190 16.62 9.63 -2.00
N GLU A 191 17.35 8.95 -2.88
CA GLU A 191 18.32 7.97 -2.42
C GLU A 191 19.43 8.61 -1.58
N GLU A 192 19.77 9.85 -1.90
CA GLU A 192 20.77 10.59 -1.13
C GLU A 192 20.19 11.06 0.20
N LYS A 193 18.87 11.03 0.31
CA LYS A 193 18.18 11.35 1.56
C LYS A 193 17.99 10.11 2.43
N GLY A 194 18.35 8.94 1.89
CA GLY A 194 18.25 7.71 2.64
C GLY A 194 17.09 6.82 2.19
N PHE A 195 16.40 7.22 1.14
CA PHE A 195 15.30 6.40 0.60
C PHE A 195 15.87 5.29 -0.27
N ARG A 196 15.10 4.22 -0.44
CA ARG A 196 15.47 3.15 -1.36
C ARG A 196 14.34 3.00 -2.37
N TYR A 197 14.56 2.16 -3.37
CA TYR A 197 13.53 1.94 -4.41
C TYR A 197 13.32 0.47 -4.75
N SER A 198 12.10 0.15 -5.18
CA SER A 198 11.81 -1.13 -5.81
C SER A 198 11.03 -0.80 -7.08
N TYR A 199 11.54 -1.21 -8.24
CA TYR A 199 10.92 -0.85 -9.50
C TYR A 199 9.95 -1.93 -10.02
N ASP A 200 8.83 -1.48 -10.58
CA ASP A 200 7.79 -2.37 -11.10
C ASP A 200 7.55 -2.01 -12.55
N MET A 201 7.87 -2.94 -13.46
CA MET A 201 7.53 -2.74 -14.86
C MET A 201 6.05 -3.06 -14.97
N LEU A 202 5.25 -2.00 -15.11
CA LEU A 202 3.79 -2.13 -15.12
C LEU A 202 3.28 -3.11 -16.18
N GLY A 203 2.16 -3.76 -15.87
CA GLY A 203 1.59 -4.77 -16.75
C GLY A 203 1.40 -6.04 -15.95
N GLU A 204 0.30 -6.74 -16.18
CA GLU A 204 0.01 -7.94 -15.40
C GLU A 204 -0.96 -8.82 -16.19
N ALA A 205 -1.24 -10.01 -15.65
CA ALA A 205 -2.17 -10.95 -16.24
C ALA A 205 -1.95 -11.14 -17.75
N ALA A 206 -0.76 -11.61 -18.13
CA ALA A 206 -0.46 -11.91 -19.52
C ALA A 206 -1.51 -12.87 -20.07
N LEU A 207 -2.06 -12.53 -21.24
CA LEU A 207 -3.12 -13.34 -21.84
C LEU A 207 -2.62 -14.38 -22.85
N THR A 208 -1.48 -14.10 -23.48
CA THR A 208 -0.94 -14.99 -24.50
C THR A 208 0.50 -15.37 -24.21
N ALA A 209 0.99 -16.39 -24.89
CA ALA A 209 2.39 -16.79 -24.74
C ALA A 209 3.30 -15.64 -25.12
N ALA A 210 2.91 -14.92 -26.18
CA ALA A 210 3.69 -13.77 -26.63
C ALA A 210 3.77 -12.65 -25.59
N ASP A 211 2.65 -12.36 -24.93
CA ASP A 211 2.62 -11.36 -23.88
C ASP A 211 3.58 -11.72 -22.75
N ALA A 212 3.53 -12.98 -22.34
CA ALA A 212 4.36 -13.43 -21.22
C ALA A 212 5.83 -13.32 -21.58
N GLN A 213 6.17 -13.73 -22.81
CA GLN A 213 7.54 -13.64 -23.28
C GLN A 213 8.02 -12.17 -23.26
N ALA A 214 7.16 -11.26 -23.68
CA ALA A 214 7.52 -9.84 -23.67
C ALA A 214 7.72 -9.29 -22.26
N TYR A 215 6.89 -9.72 -21.31
CA TYR A 215 7.10 -9.35 -19.91
C TYR A 215 8.43 -9.89 -19.39
N MET A 216 8.76 -11.12 -19.76
CA MET A 216 10.04 -11.72 -19.39
C MET A 216 11.22 -10.87 -19.87
N VAL A 217 11.18 -10.45 -21.13
CA VAL A 217 12.24 -9.63 -21.71
C VAL A 217 12.32 -8.26 -21.04
N SER A 218 11.16 -7.65 -20.79
CA SER A 218 11.12 -6.40 -20.03
C SER A 218 11.73 -6.53 -18.63
N TYR A 219 11.40 -7.60 -17.91
CA TYR A 219 12.01 -7.82 -16.59
C TYR A 219 13.52 -8.00 -16.69
N GLN A 220 13.98 -8.80 -17.64
CA GLN A 220 15.42 -9.04 -17.81
C GLN A 220 16.16 -7.73 -18.08
N GLN A 221 15.65 -6.97 -19.03
CA GLN A 221 16.13 -5.64 -19.36
C GLN A 221 16.18 -4.76 -18.11
N ALA A 222 15.10 -4.76 -17.35
CA ALA A 222 15.02 -3.98 -16.12
C ALA A 222 16.06 -4.40 -15.07
N ILE A 223 16.24 -5.70 -14.88
CA ILE A 223 17.22 -6.16 -13.90
C ILE A 223 18.64 -5.70 -14.26
N HIS A 224 18.97 -5.76 -15.54
CA HIS A 224 20.29 -5.30 -16.01
C HIS A 224 20.48 -3.81 -15.70
N ALA A 225 19.46 -3.01 -15.97
CA ALA A 225 19.50 -1.57 -15.72
C ALA A 225 19.58 -1.21 -14.24
N ILE A 226 18.69 -1.79 -13.43
CA ILE A 226 18.68 -1.54 -11.99
C ILE A 226 19.97 -2.05 -11.34
N GLY A 227 20.44 -3.20 -11.81
CA GLY A 227 21.65 -3.80 -11.29
C GLY A 227 22.89 -2.97 -11.56
N LYS A 228 22.96 -2.38 -12.75
CA LYS A 228 24.07 -1.49 -13.10
C LYS A 228 24.00 -0.19 -12.31
N ALA A 229 22.80 0.32 -12.10
CA ALA A 229 22.62 1.51 -11.29
C ALA A 229 22.98 1.23 -9.83
N SER A 230 22.56 0.08 -9.34
CA SER A 230 22.86 -0.34 -7.97
C SER A 230 24.36 -0.35 -7.73
N ASN A 231 25.09 -0.91 -8.70
CA ASN A 231 26.56 -0.87 -8.69
C ASN A 231 27.18 -1.42 -7.40
N GLY A 232 26.64 -2.54 -6.91
CA GLY A 232 27.21 -3.21 -5.75
C GLY A 232 26.72 -2.74 -4.39
N ARG A 233 25.78 -1.80 -4.38
CA ARG A 233 25.22 -1.30 -3.11
C ARG A 233 24.52 -2.38 -2.28
N GLY A 234 24.08 -3.45 -2.95
CA GLY A 234 23.52 -4.59 -2.23
C GLY A 234 22.03 -4.57 -2.04
N ILE A 235 21.50 -5.63 -1.45
CA ILE A 235 20.05 -5.83 -1.39
C ILE A 235 19.34 -4.90 -0.42
N TYR A 236 20.08 -4.32 0.52
CA TYR A 236 19.45 -3.44 1.52
C TYR A 236 19.47 -1.98 1.08
N GLU A 237 20.66 -1.43 0.87
CA GLU A 237 20.80 -0.02 0.52
C GLU A 237 20.45 0.22 -0.94
N GLY A 238 20.67 -0.76 -1.79
CA GLY A 238 20.51 -0.57 -3.22
C GLY A 238 19.11 -0.88 -3.71
N PRO A 239 18.78 -0.44 -4.94
CA PRO A 239 17.43 -0.66 -5.47
C PRO A 239 17.16 -2.12 -5.78
N GLY A 240 15.89 -2.50 -5.84
CA GLY A 240 15.52 -3.84 -6.24
C GLY A 240 14.41 -3.80 -7.30
N ILE A 241 13.90 -4.96 -7.67
CA ILE A 241 12.80 -5.06 -8.63
C ILE A 241 11.66 -5.84 -7.99
N SER A 242 10.43 -5.53 -8.40
CA SER A 242 9.25 -6.28 -7.97
C SER A 242 8.63 -6.89 -9.20
N ILE A 243 8.33 -8.18 -9.15
CA ILE A 243 7.77 -8.87 -10.31
C ILE A 243 6.39 -9.46 -9.99
N LYS A 244 5.59 -9.66 -11.04
CA LYS A 244 4.29 -10.34 -10.90
C LYS A 244 4.34 -11.69 -11.60
N LEU A 245 4.02 -12.76 -10.87
CA LEU A 245 3.95 -14.09 -11.47
C LEU A 245 2.93 -14.14 -12.62
N SER A 246 1.86 -13.35 -12.51
CA SER A 246 0.83 -13.33 -13.56
C SER A 246 1.33 -12.77 -14.88
N ALA A 247 2.44 -12.03 -14.84
CA ALA A 247 3.02 -11.46 -16.04
C ALA A 247 3.87 -12.49 -16.80
N LEU A 248 4.26 -13.55 -16.11
CA LEU A 248 5.27 -14.48 -16.66
C LEU A 248 4.67 -15.78 -17.16
N HIS A 249 3.36 -15.91 -17.04
CA HIS A 249 2.71 -17.12 -17.51
C HIS A 249 1.36 -16.74 -18.10
N PRO A 250 1.07 -17.20 -19.32
CA PRO A 250 -0.21 -16.82 -19.92
C PRO A 250 -1.38 -17.41 -19.15
N ARG A 251 -2.42 -16.61 -18.92
CA ARG A 251 -3.64 -17.10 -18.27
C ARG A 251 -3.33 -17.73 -16.91
N TYR A 252 -2.46 -17.06 -16.18
CA TYR A 252 -2.03 -17.47 -14.85
C TYR A 252 -3.21 -17.71 -13.92
N SER A 253 -4.26 -16.90 -14.08
CA SER A 253 -5.43 -16.98 -13.22
C SER A 253 -6.03 -18.39 -13.11
N ARG A 254 -5.95 -19.18 -14.19
CA ARG A 254 -6.49 -20.54 -14.16
C ARG A 254 -5.46 -21.61 -14.51
N ALA A 255 -4.19 -21.24 -14.43
CA ALA A 255 -3.11 -22.16 -14.80
C ALA A 255 -2.96 -23.30 -13.80
N GLN A 256 -2.70 -24.50 -14.32
CA GLN A 256 -2.52 -25.69 -13.49
C GLN A 256 -1.08 -25.82 -13.00
N TYR A 257 -0.90 -26.53 -11.88
CA TYR A 257 0.42 -26.72 -11.26
C TYR A 257 1.49 -27.19 -12.25
N ASP A 258 1.20 -28.24 -13.00
CA ASP A 258 2.21 -28.85 -13.88
C ASP A 258 2.78 -27.88 -14.91
N ARG A 259 1.90 -27.12 -15.55
CA ARG A 259 2.33 -26.17 -16.58
C ARG A 259 3.07 -24.99 -15.96
N VAL A 260 2.62 -24.56 -14.77
CA VAL A 260 3.28 -23.48 -14.06
C VAL A 260 4.72 -23.85 -13.70
N MET A 261 4.91 -25.07 -13.22
CA MET A 261 6.27 -25.54 -12.89
C MET A 261 7.15 -25.69 -14.12
N GLU A 262 6.56 -26.18 -15.21
CA GLU A 262 7.33 -26.45 -16.41
C GLU A 262 7.72 -25.17 -17.14
N GLU A 263 6.86 -24.14 -17.04
CA GLU A 263 7.06 -22.95 -17.86
C GLU A 263 7.35 -21.68 -17.07
N LEU A 264 6.59 -21.42 -16.00
CA LEU A 264 6.80 -20.21 -15.23
C LEU A 264 8.05 -20.35 -14.38
N TYR A 265 8.21 -21.49 -13.72
CA TYR A 265 9.35 -21.63 -12.79
C TYR A 265 10.72 -21.38 -13.42
N PRO A 266 10.99 -21.95 -14.61
CA PRO A 266 12.34 -21.70 -15.15
C PRO A 266 12.55 -20.22 -15.40
N ARG A 267 11.47 -19.49 -15.68
CA ARG A 267 11.56 -18.04 -15.88
C ARG A 267 11.85 -17.32 -14.56
N LEU A 268 11.14 -17.71 -13.51
CA LEU A 268 11.35 -17.13 -12.20
C LEU A 268 12.79 -17.39 -11.76
N LYS A 269 13.26 -18.62 -11.93
CA LYS A 269 14.64 -18.97 -11.59
C LYS A 269 15.68 -18.12 -12.33
N SER A 270 15.47 -17.94 -13.64
CA SER A 270 16.40 -17.19 -14.48
C SER A 270 16.53 -15.73 -14.05
N LEU A 271 15.39 -15.09 -13.78
CA LEU A 271 15.38 -13.73 -13.28
C LEU A 271 16.05 -13.60 -11.92
N THR A 272 15.83 -14.58 -11.05
CA THR A 272 16.35 -14.52 -9.69
C THR A 272 17.87 -14.71 -9.73
N LEU A 273 18.34 -15.59 -10.60
CA LEU A 273 19.79 -15.76 -10.78
C LEU A 273 20.43 -14.47 -11.27
N LEU A 274 19.77 -13.78 -12.20
CA LEU A 274 20.27 -12.51 -12.73
C LEU A 274 20.29 -11.41 -11.67
N ALA A 275 19.24 -11.34 -10.85
CA ALA A 275 19.21 -10.42 -9.73
C ALA A 275 20.39 -10.68 -8.81
N ARG A 276 20.67 -11.96 -8.56
CA ARG A 276 21.76 -12.33 -7.66
C ARG A 276 23.12 -11.93 -8.21
N GLN A 277 23.30 -12.06 -9.52
CA GLN A 277 24.55 -11.63 -10.15
C GLN A 277 24.82 -10.15 -9.90
N TYR A 278 23.77 -9.34 -9.86
CA TYR A 278 23.92 -7.92 -9.58
C TYR A 278 23.76 -7.59 -8.09
N ASP A 279 23.46 -8.61 -7.29
CA ASP A 279 23.17 -8.42 -5.85
C ASP A 279 22.07 -7.37 -5.58
N ILE A 280 20.92 -7.51 -6.26
CA ILE A 280 19.77 -6.64 -5.98
C ILE A 280 18.61 -7.49 -5.49
N GLY A 281 17.71 -6.90 -4.71
CA GLY A 281 16.56 -7.64 -4.23
C GLY A 281 15.59 -7.92 -5.35
N ILE A 282 14.96 -9.10 -5.32
CA ILE A 282 13.91 -9.42 -6.29
C ILE A 282 12.69 -9.90 -5.53
N ASN A 283 11.61 -9.14 -5.64
CA ASN A 283 10.42 -9.33 -4.84
C ASN A 283 9.28 -9.89 -5.65
N ILE A 284 8.65 -10.94 -5.13
CA ILE A 284 7.49 -11.54 -5.79
C ILE A 284 6.24 -10.90 -5.21
N ASN A 285 5.55 -10.06 -5.98
CA ASN A 285 4.31 -9.42 -5.55
C ASN A 285 3.22 -10.45 -5.28
N ALA A 286 2.31 -10.09 -4.38
CA ALA A 286 1.20 -10.97 -4.04
C ALA A 286 -0.02 -10.48 -4.81
N GLU A 287 -0.76 -11.40 -5.42
CA GLU A 287 -1.92 -11.01 -6.25
C GLU A 287 -3.21 -11.62 -5.71
N GLU A 288 -4.07 -12.16 -6.57
CA GLU A 288 -5.37 -12.69 -6.10
C GLU A 288 -5.19 -13.85 -5.13
N SER A 289 -6.15 -14.06 -4.23
CA SER A 289 -5.93 -15.05 -3.15
C SER A 289 -5.90 -16.49 -3.66
N ASP A 290 -6.56 -16.78 -4.78
CA ASP A 290 -6.54 -18.16 -5.28
C ASP A 290 -5.19 -18.51 -5.93
N ARG A 291 -4.24 -17.57 -5.92
CA ARG A 291 -2.90 -17.87 -6.45
C ARG A 291 -1.87 -17.96 -5.32
N LEU A 292 -2.30 -17.82 -4.07
CA LEU A 292 -1.38 -17.91 -2.95
C LEU A 292 -0.66 -19.26 -2.92
N GLU A 293 -1.42 -20.34 -3.04
CA GLU A 293 -0.86 -21.69 -2.95
C GLU A 293 0.21 -21.97 -3.99
N ILE A 294 -0.09 -21.68 -5.26
CA ILE A 294 0.90 -21.93 -6.30
C ILE A 294 2.14 -21.06 -6.11
N SER A 295 1.96 -19.83 -5.65
CA SER A 295 3.11 -18.95 -5.42
C SER A 295 4.03 -19.51 -4.32
N LEU A 296 3.46 -20.17 -3.31
CA LEU A 296 4.29 -20.80 -2.27
C LEU A 296 5.07 -21.98 -2.82
N ASP A 297 4.45 -22.74 -3.72
CA ASP A 297 5.13 -23.88 -4.35
C ASP A 297 6.32 -23.39 -5.17
N LEU A 298 6.15 -22.28 -5.86
CA LEU A 298 7.26 -21.68 -6.63
C LEU A 298 8.37 -21.16 -5.71
N LEU A 299 7.99 -20.48 -4.62
CA LEU A 299 8.98 -19.96 -3.68
C LEU A 299 9.78 -21.09 -3.04
N GLU A 300 9.09 -22.16 -2.65
CA GLU A 300 9.73 -23.33 -2.03
C GLU A 300 10.85 -23.85 -2.93
N LYS A 301 10.54 -24.04 -4.21
CA LYS A 301 11.50 -24.59 -5.15
C LYS A 301 12.67 -23.62 -5.35
N LEU A 302 12.33 -22.34 -5.48
CA LEU A 302 13.34 -21.30 -5.71
C LEU A 302 14.38 -21.25 -4.60
N CYS A 303 13.93 -21.27 -3.34
CA CYS A 303 14.85 -21.13 -2.22
C CYS A 303 15.85 -22.25 -2.11
N PHE A 304 15.60 -23.36 -2.81
CA PHE A 304 16.54 -24.49 -2.77
C PHE A 304 17.48 -24.61 -3.97
N GLU A 305 17.45 -23.64 -4.86
CA GLU A 305 18.41 -23.64 -5.97
C GLU A 305 19.85 -23.49 -5.44
N PRO A 306 20.75 -24.40 -5.86
CA PRO A 306 22.15 -24.34 -5.44
C PRO A 306 22.81 -22.99 -5.72
N GLU A 307 22.50 -22.39 -6.87
CA GLU A 307 23.11 -21.13 -7.25
C GLU A 307 22.66 -19.95 -6.37
N LEU A 308 21.60 -20.15 -5.60
CA LEU A 308 21.10 -19.11 -4.70
C LEU A 308 21.50 -19.36 -3.24
N ALA A 309 22.29 -20.41 -3.01
CA ALA A 309 22.74 -20.73 -1.66
C ALA A 309 23.53 -19.57 -1.05
N GLY A 310 23.16 -19.17 0.17
CA GLY A 310 23.88 -18.13 0.88
C GLY A 310 23.51 -16.72 0.48
N TRP A 311 22.55 -16.57 -0.44
CA TRP A 311 22.10 -15.26 -0.89
C TRP A 311 20.71 -14.96 -0.37
N ASN A 312 20.51 -13.74 0.13
CA ASN A 312 19.31 -13.40 0.88
C ASN A 312 18.42 -12.37 0.17
N GLY A 313 18.56 -12.24 -1.14
CA GLY A 313 17.86 -11.20 -1.87
C GLY A 313 16.48 -11.57 -2.40
N ILE A 314 16.03 -12.80 -2.17
CA ILE A 314 14.68 -13.20 -2.55
C ILE A 314 13.67 -12.50 -1.65
N GLY A 315 12.67 -11.85 -2.24
CA GLY A 315 11.63 -11.20 -1.47
C GLY A 315 10.26 -11.77 -1.80
N PHE A 316 9.34 -11.72 -0.84
CA PHE A 316 8.00 -12.30 -1.03
C PHE A 316 7.00 -11.44 -0.24
N VAL A 317 5.90 -11.06 -0.88
CA VAL A 317 4.86 -10.24 -0.24
C VAL A 317 3.83 -11.13 0.42
N ILE A 318 3.37 -10.75 1.62
CA ILE A 318 2.22 -11.41 2.22
C ILE A 318 1.16 -10.38 2.59
N GLN A 319 -0.10 -10.73 2.37
CA GLN A 319 -1.22 -9.81 2.54
C GLN A 319 -1.98 -10.06 3.83
N ALA A 320 -1.94 -9.08 4.74
CA ALA A 320 -2.56 -9.23 6.05
C ALA A 320 -4.08 -9.25 6.00
N TYR A 321 -4.68 -8.89 4.86
CA TYR A 321 -6.14 -8.94 4.82
C TYR A 321 -6.65 -10.37 4.64
N GLN A 322 -5.75 -11.31 4.37
CA GLN A 322 -6.11 -12.72 4.28
C GLN A 322 -6.09 -13.42 5.64
N LYS A 323 -7.07 -14.29 5.85
CA LYS A 323 -7.11 -15.09 7.07
C LYS A 323 -5.90 -16.00 7.20
N ARG A 324 -5.33 -16.36 6.05
CA ARG A 324 -4.19 -17.27 6.02
C ARG A 324 -2.86 -16.62 6.43
N CYS A 325 -2.82 -15.29 6.48
CA CYS A 325 -1.54 -14.58 6.64
C CYS A 325 -0.61 -15.05 7.79
N PRO A 326 -1.13 -15.17 9.02
CA PRO A 326 -0.23 -15.60 10.11
C PRO A 326 0.28 -17.02 9.89
N LEU A 327 -0.54 -17.84 9.25
CA LEU A 327 -0.14 -19.22 8.93
C LEU A 327 0.93 -19.25 7.83
N VAL A 328 0.83 -18.32 6.89
CA VAL A 328 1.86 -18.21 5.87
C VAL A 328 3.16 -17.80 6.54
N ILE A 329 3.09 -16.97 7.57
CA ILE A 329 4.32 -16.56 8.26
C ILE A 329 5.01 -17.75 8.93
N ASP A 330 4.23 -18.63 9.57
CA ASP A 330 4.83 -19.82 10.18
C ASP A 330 5.51 -20.68 9.14
N TYR A 331 4.88 -20.80 7.97
CA TYR A 331 5.50 -21.52 6.86
C TYR A 331 6.81 -20.85 6.42
N LEU A 332 6.79 -19.54 6.27
CA LEU A 332 7.99 -18.81 5.81
C LEU A 332 9.15 -18.91 6.79
N ILE A 333 8.82 -18.87 8.08
CA ILE A 333 9.86 -19.01 9.11
C ILE A 333 10.54 -20.37 8.99
N ASP A 334 9.75 -21.42 8.80
CA ASP A 334 10.30 -22.76 8.62
C ASP A 334 11.07 -22.87 7.32
N LEU A 335 10.58 -22.23 6.25
CA LEU A 335 11.28 -22.24 4.95
C LEU A 335 12.64 -21.55 5.02
N ALA A 336 12.71 -20.39 5.68
CA ALA A 336 13.99 -19.72 5.90
C ALA A 336 14.96 -20.60 6.67
N THR A 337 14.46 -21.30 7.68
CA THR A 337 15.31 -22.20 8.45
C THR A 337 15.82 -23.35 7.58
N ARG A 338 14.92 -24.05 6.90
CA ARG A 338 15.30 -25.19 6.07
C ARG A 338 16.21 -24.83 4.89
N SER A 339 15.98 -23.68 4.28
CA SER A 339 16.76 -23.28 3.09
C SER A 339 17.94 -22.40 3.45
N ARG A 340 18.12 -22.15 4.75
CA ARG A 340 19.27 -21.43 5.29
C ARG A 340 19.45 -20.03 4.67
N ARG A 341 18.44 -19.19 4.79
CA ARG A 341 18.55 -17.83 4.29
CA ARG A 341 18.57 -17.83 4.32
C ARG A 341 17.70 -16.89 5.13
N ARG A 342 17.93 -15.60 4.93
CA ARG A 342 17.05 -14.59 5.50
C ARG A 342 16.14 -14.16 4.36
N LEU A 343 14.82 -14.33 4.54
CA LEU A 343 13.87 -13.93 3.52
C LEU A 343 13.50 -12.46 3.69
N MET A 344 13.40 -11.75 2.58
CA MET A 344 12.91 -10.38 2.59
CA MET A 344 12.90 -10.37 2.61
C MET A 344 11.39 -10.47 2.48
N ILE A 345 10.67 -10.10 3.53
CA ILE A 345 9.22 -10.26 3.52
C ILE A 345 8.50 -8.92 3.60
N ARG A 346 7.74 -8.59 2.56
CA ARG A 346 6.97 -7.36 2.57
C ARG A 346 5.60 -7.66 3.14
N LEU A 347 5.28 -7.07 4.27
CA LEU A 347 3.96 -7.22 4.88
C LEU A 347 3.11 -6.07 4.39
N VAL A 348 2.00 -6.40 3.74
CA VAL A 348 1.06 -5.39 3.25
C VAL A 348 -0.32 -5.73 3.77
N LYS A 349 -1.26 -4.81 3.63
CA LYS A 349 -2.62 -5.19 3.94
C LYS A 349 -3.22 -5.92 2.74
N GLY A 350 -3.30 -5.24 1.59
CA GLY A 350 -3.65 -5.92 0.35
C GLY A 350 -4.39 -5.01 -0.61
N ALA A 351 -4.20 -5.23 -1.91
CA ALA A 351 -4.66 -4.30 -2.95
C ALA A 351 -5.92 -4.72 -3.69
N TYR A 352 -6.37 -5.96 -3.47
CA TYR A 352 -7.43 -6.53 -4.29
C TYR A 352 -8.75 -6.77 -3.55
N TRP A 353 -8.97 -6.07 -2.45
CA TRP A 353 -10.09 -6.38 -1.57
C TRP A 353 -11.46 -6.36 -2.26
N ASP A 354 -11.74 -5.32 -3.03
CA ASP A 354 -13.05 -5.20 -3.68
C ASP A 354 -13.30 -6.40 -4.58
N SER A 355 -12.27 -6.81 -5.32
CA SER A 355 -12.42 -7.96 -6.22
C SER A 355 -12.51 -9.27 -5.46
N GLU A 356 -11.79 -9.38 -4.34
CA GLU A 356 -11.88 -10.60 -3.52
C GLU A 356 -13.30 -10.82 -3.00
N ILE A 357 -13.94 -9.75 -2.55
CA ILE A 357 -15.30 -9.88 -2.03
C ILE A 357 -16.22 -10.30 -3.16
N LYS A 358 -16.07 -9.64 -4.31
CA LYS A 358 -16.96 -9.93 -5.44
C LYS A 358 -16.77 -11.37 -5.92
N ARG A 359 -15.52 -11.83 -5.97
CA ARG A 359 -15.20 -13.20 -6.39
C ARG A 359 -15.83 -14.24 -5.47
N ALA A 360 -15.67 -14.05 -4.16
CA ALA A 360 -16.19 -15.00 -3.19
C ALA A 360 -17.73 -15.08 -3.23
N GLN A 361 -18.37 -13.96 -3.51
CA GLN A 361 -19.83 -13.95 -3.62
C GLN A 361 -20.29 -14.71 -4.85
N MET A 362 -19.46 -14.74 -5.88
CA MET A 362 -19.79 -15.50 -7.10
C MET A 362 -19.52 -16.99 -6.92
N ASP A 363 -18.42 -17.33 -6.24
CA ASP A 363 -18.03 -18.72 -6.01
C ASP A 363 -18.99 -19.47 -5.07
N GLY A 364 -19.71 -18.72 -4.23
CA GLY A 364 -20.68 -19.31 -3.32
C GLY A 364 -20.09 -20.33 -2.36
N LEU A 365 -18.89 -20.07 -1.85
CA LEU A 365 -18.26 -20.98 -0.90
C LEU A 365 -18.65 -20.64 0.55
N GLU A 366 -18.02 -21.33 1.50
CA GLU A 366 -18.46 -21.22 2.89
C GLU A 366 -18.08 -19.88 3.56
N GLY A 367 -17.24 -19.10 2.89
CA GLY A 367 -16.81 -17.82 3.46
C GLY A 367 -15.91 -16.98 2.57
N TYR A 368 -15.28 -15.98 3.19
CA TYR A 368 -14.36 -15.10 2.47
C TYR A 368 -12.93 -15.46 2.84
N PRO A 369 -12.01 -15.35 1.88
CA PRO A 369 -10.60 -15.56 2.21
C PRO A 369 -9.97 -14.31 2.81
N VAL A 370 -10.72 -13.22 2.83
CA VAL A 370 -10.24 -11.96 3.41
C VAL A 370 -11.22 -11.49 4.48
N TYR A 371 -10.76 -10.60 5.37
CA TYR A 371 -11.65 -9.98 6.36
C TYR A 371 -12.64 -9.07 5.66
N THR A 372 -13.76 -8.77 6.33
CA THR A 372 -14.81 -7.91 5.73
C THR A 372 -14.94 -6.55 6.43
N ARG A 373 -14.29 -6.39 7.57
CA ARG A 373 -14.15 -5.08 8.20
C ARG A 373 -12.70 -4.63 8.19
N LYS A 374 -12.49 -3.37 7.83
CA LYS A 374 -11.14 -2.86 7.63
C LYS A 374 -10.31 -2.94 8.92
N VAL A 375 -10.95 -2.69 10.05
CA VAL A 375 -10.24 -2.73 11.34
C VAL A 375 -9.70 -4.12 11.66
N TYR A 376 -10.34 -5.16 11.14
CA TYR A 376 -9.80 -6.51 11.33
C TYR A 376 -8.50 -6.69 10.56
N THR A 377 -8.43 -6.14 9.36
CA THR A 377 -7.19 -6.20 8.59
C THR A 377 -6.08 -5.46 9.34
N ASP A 378 -6.43 -4.35 9.99
CA ASP A 378 -5.47 -3.61 10.80
C ASP A 378 -4.93 -4.45 11.94
N VAL A 379 -5.83 -5.16 12.62
CA VAL A 379 -5.47 -6.07 13.71
C VAL A 379 -4.56 -7.19 13.21
N SER A 380 -4.94 -7.80 12.10
CA SER A 380 -4.13 -8.83 11.47
C SER A 380 -2.72 -8.32 11.15
N TYR A 381 -2.62 -7.11 10.61
CA TYR A 381 -1.33 -6.55 10.26
C TYR A 381 -0.44 -6.41 11.50
N LEU A 382 -1.00 -5.94 12.62
CA LEU A 382 -0.18 -5.78 13.82
C LEU A 382 0.25 -7.12 14.42
N ALA A 383 -0.65 -8.11 14.41
CA ALA A 383 -0.29 -9.44 14.91
C ALA A 383 0.80 -10.03 14.02
N CYS A 384 0.66 -9.84 12.71
CA CYS A 384 1.67 -10.37 11.79
C CYS A 384 3.02 -9.66 11.92
N ALA A 385 2.98 -8.37 12.21
CA ALA A 385 4.21 -7.59 12.35
C ALA A 385 5.00 -8.10 13.52
N LYS A 386 4.31 -8.40 14.62
CA LYS A 386 4.98 -8.92 15.82
C LYS A 386 5.67 -10.23 15.51
N LYS A 387 4.99 -11.10 14.77
CA LYS A 387 5.53 -12.40 14.40
C LYS A 387 6.80 -12.24 13.57
N LEU A 388 6.78 -11.32 12.61
CA LEU A 388 7.96 -11.12 11.75
C LEU A 388 9.14 -10.53 12.51
N LEU A 389 8.85 -9.60 13.41
CA LEU A 389 9.92 -8.93 14.16
C LEU A 389 10.61 -9.85 15.15
N ALA A 390 9.95 -10.95 15.51
CA ALA A 390 10.49 -11.86 16.52
C ALA A 390 11.63 -12.72 15.98
N VAL A 391 11.79 -12.75 14.65
CA VAL A 391 12.79 -13.65 14.04
C VAL A 391 13.78 -12.95 13.08
N PRO A 392 14.59 -12.01 13.61
CA PRO A 392 15.42 -11.20 12.70
C PRO A 392 16.50 -11.99 11.97
N ASN A 393 16.86 -13.17 12.46
CA ASN A 393 17.83 -14.00 11.75
C ASN A 393 17.22 -14.64 10.50
N LEU A 394 15.89 -14.74 10.47
CA LEU A 394 15.20 -15.48 9.43
C LEU A 394 14.48 -14.59 8.43
N ILE A 395 14.07 -13.41 8.88
CA ILE A 395 13.26 -12.54 8.05
C ILE A 395 13.72 -11.11 8.17
N TYR A 396 13.82 -10.41 7.04
CA TYR A 396 13.94 -8.96 7.02
C TYR A 396 12.58 -8.40 6.67
N PRO A 397 11.91 -7.83 7.68
CA PRO A 397 10.55 -7.37 7.41
C PRO A 397 10.53 -6.02 6.71
N GLN A 398 9.63 -5.88 5.75
CA GLN A 398 9.46 -4.64 5.02
C GLN A 398 8.01 -4.19 5.17
N PHE A 399 7.81 -3.17 6.00
CA PHE A 399 6.46 -2.80 6.42
C PHE A 399 5.89 -1.72 5.52
N ALA A 400 5.04 -2.17 4.60
CA ALA A 400 4.47 -1.30 3.58
C ALA A 400 3.19 -0.72 4.15
N THR A 401 3.16 0.60 4.31
CA THR A 401 1.95 1.27 4.78
C THR A 401 2.02 2.78 4.60
N HIS A 402 0.86 3.41 4.41
CA HIS A 402 0.76 4.87 4.39
C HIS A 402 0.01 5.36 5.62
N ASN A 403 -0.27 4.43 6.53
CA ASN A 403 -1.08 4.69 7.73
C ASN A 403 -0.19 5.09 8.91
N ALA A 404 -0.43 6.28 9.46
CA ALA A 404 0.46 6.82 10.50
C ALA A 404 0.41 6.02 11.79
N HIS A 405 -0.75 5.46 12.12
CA HIS A 405 -0.81 4.59 13.28
C HIS A 405 -0.06 3.29 13.06
N THR A 406 -0.30 2.66 11.91
CA THR A 406 0.39 1.41 11.59
C THR A 406 1.91 1.61 11.68
N LEU A 407 2.36 2.71 11.10
CA LEU A 407 3.79 3.02 11.09
C LEU A 407 4.32 3.21 12.53
N ALA A 408 3.62 4.01 13.31
CA ALA A 408 4.03 4.29 14.69
C ALA A 408 4.02 3.02 15.53
N ALA A 409 3.02 2.16 15.31
CA ALA A 409 2.94 0.91 16.05
C ALA A 409 4.11 0.00 15.75
N ILE A 410 4.44 -0.14 14.47
CA ILE A 410 5.59 -0.97 14.07
C ILE A 410 6.88 -0.38 14.65
N TYR A 411 7.00 0.95 14.61
CA TYR A 411 8.18 1.63 15.16
C TYR A 411 8.41 1.27 16.62
N GLN A 412 7.32 1.21 17.39
CA GLN A 412 7.42 0.88 18.81
C GLN A 412 7.59 -0.63 19.01
N LEU A 413 6.85 -1.42 18.23
CA LEU A 413 6.93 -2.88 18.31
C LEU A 413 8.33 -3.42 17.99
N ALA A 414 9.08 -2.70 17.17
CA ALA A 414 10.43 -3.15 16.79
C ALA A 414 11.43 -2.97 17.93
N GLY A 415 11.07 -2.17 18.92
CA GLY A 415 11.81 -2.12 20.17
C GLY A 415 12.99 -1.17 20.18
N GLN A 416 13.75 -1.21 21.26
CA GLN A 416 14.90 -0.35 21.41
C GLN A 416 16.02 -0.92 20.55
N ASN A 417 16.98 -0.07 20.24
CA ASN A 417 18.22 -0.51 19.58
C ASN A 417 17.98 -0.90 18.13
N TYR A 418 17.30 -0.02 17.40
CA TYR A 418 17.21 -0.16 15.96
C TYR A 418 18.60 -0.25 15.32
N TYR A 419 18.73 -1.12 14.31
CA TYR A 419 19.89 -1.16 13.42
C TYR A 419 19.28 -1.28 12.01
N PRO A 420 19.90 -0.65 11.00
CA PRO A 420 19.26 -0.49 9.67
C PRO A 420 18.75 -1.79 9.04
N GLY A 421 19.53 -2.86 9.23
CA GLY A 421 19.17 -4.18 8.74
C GLY A 421 18.12 -4.88 9.58
N GLN A 422 17.54 -4.17 10.55
CA GLN A 422 16.47 -4.78 11.35
C GLN A 422 15.18 -4.88 10.54
N TYR A 423 14.77 -3.76 9.95
CA TYR A 423 13.57 -3.71 9.11
C TYR A 423 13.62 -2.44 8.30
N GLU A 424 12.69 -2.29 7.36
CA GLU A 424 12.49 -1.03 6.66
C GLU A 424 11.00 -0.81 6.51
N PHE A 425 10.62 0.43 6.22
CA PHE A 425 9.25 0.72 5.79
C PHE A 425 9.23 0.73 4.26
N GLN A 426 8.02 0.70 3.69
CA GLN A 426 7.86 0.86 2.23
C GLN A 426 6.60 1.68 1.93
N CYS A 427 6.58 2.34 0.78
CA CYS A 427 5.43 3.16 0.39
C CYS A 427 5.34 3.20 -1.11
N LEU A 428 4.16 3.53 -1.62
CA LEU A 428 3.96 3.65 -3.05
C LEU A 428 4.28 5.06 -3.50
N HIS A 429 4.97 5.17 -4.62
CA HIS A 429 5.20 6.47 -5.25
C HIS A 429 3.89 7.21 -5.44
N GLY A 430 3.86 8.48 -5.01
CA GLY A 430 2.68 9.30 -5.21
C GLY A 430 1.72 9.26 -4.04
N MET A 431 2.05 8.45 -3.03
CA MET A 431 1.19 8.34 -1.85
C MET A 431 1.96 8.52 -0.54
N GLY A 432 3.18 8.01 -0.49
CA GLY A 432 3.85 7.89 0.80
C GLY A 432 4.82 9.00 1.17
N GLU A 433 5.32 9.71 0.17
CA GLU A 433 6.43 10.64 0.40
C GLU A 433 6.23 11.71 1.51
N PRO A 434 5.04 12.32 1.60
CA PRO A 434 4.80 13.30 2.69
C PRO A 434 4.88 12.70 4.10
N LEU A 435 4.25 11.55 4.33
CA LEU A 435 4.38 10.88 5.63
C LEU A 435 5.83 10.49 5.87
N TYR A 436 6.47 9.93 4.86
CA TYR A 436 7.82 9.41 5.02
C TYR A 436 8.88 10.51 5.05
N GLU A 437 8.50 11.71 4.63
CA GLU A 437 9.38 12.87 4.78
C GLU A 437 9.67 13.12 6.27
N GLN A 438 8.78 12.64 7.14
CA GLN A 438 8.97 12.77 8.59
C GLN A 438 9.77 11.59 9.17
N VAL A 439 10.03 10.59 8.34
CA VAL A 439 10.51 9.30 8.84
C VAL A 439 11.93 9.02 8.41
N THR A 440 12.18 9.11 7.11
CA THR A 440 13.50 8.82 6.56
C THR A 440 14.36 10.07 6.55
N GLY A 441 15.53 10.00 7.17
CA GLY A 441 16.38 11.18 7.25
C GLY A 441 17.00 11.29 8.64
N LYS A 442 17.69 12.41 8.88
CA LYS A 442 18.43 12.60 10.14
C LYS A 442 17.54 12.98 11.31
N VAL A 443 17.89 12.49 12.50
CA VAL A 443 17.23 12.90 13.73
C VAL A 443 17.40 14.39 13.98
N ALA A 444 18.57 14.92 13.60
CA ALA A 444 18.87 16.34 13.74
C ALA A 444 17.86 17.20 12.98
N ASP A 445 17.35 16.67 11.86
CA ASP A 445 16.40 17.40 11.03
C ASP A 445 14.95 17.08 11.43
N GLY A 446 14.79 16.43 12.58
CA GLY A 446 13.47 16.14 13.11
C GLY A 446 12.82 14.89 12.55
N LYS A 447 13.62 13.96 12.06
CA LYS A 447 13.06 12.72 11.50
C LYS A 447 13.33 11.51 12.39
N LEU A 448 12.70 10.38 12.08
CA LEU A 448 12.80 9.19 12.91
C LEU A 448 14.06 8.38 12.59
N ASN A 449 14.66 8.69 11.44
CA ASN A 449 15.84 7.95 10.97
C ASN A 449 15.54 6.45 10.77
N ARG A 450 14.49 6.17 10.01
CA ARG A 450 14.18 4.81 9.58
C ARG A 450 14.05 4.82 8.06
N PRO A 451 14.68 3.83 7.38
CA PRO A 451 14.66 3.78 5.92
C PRO A 451 13.29 3.40 5.35
N CYS A 452 13.01 3.92 4.17
CA CYS A 452 11.78 3.61 3.45
C CYS A 452 12.11 3.30 2.00
N ARG A 453 11.58 2.18 1.49
CA ARG A 453 11.76 1.82 0.09
C ARG A 453 10.50 2.21 -0.70
N ILE A 454 10.67 3.09 -1.69
CA ILE A 454 9.57 3.57 -2.52
C ILE A 454 9.34 2.59 -3.68
N TYR A 455 8.08 2.17 -3.84
CA TYR A 455 7.67 1.28 -4.91
C TYR A 455 7.41 2.15 -6.13
N ALA A 456 8.14 1.88 -7.21
CA ALA A 456 8.20 2.78 -8.37
C ALA A 456 7.70 2.11 -9.62
N PRO A 457 6.42 2.38 -9.99
CA PRO A 457 5.90 1.83 -11.24
C PRO A 457 6.52 2.52 -12.45
N VAL A 458 6.82 1.73 -13.47
CA VAL A 458 7.46 2.21 -14.69
C VAL A 458 6.67 1.69 -15.89
N GLY A 459 6.26 2.59 -16.78
CA GLY A 459 5.59 2.17 -18.00
C GLY A 459 4.82 3.28 -18.68
N THR A 460 4.31 3.00 -19.88
CA THR A 460 3.51 3.95 -20.63
C THR A 460 2.03 3.77 -20.32
N HIS A 461 1.19 4.59 -20.94
CA HIS A 461 -0.25 4.56 -20.71
C HIS A 461 -0.87 3.16 -20.93
N GLU A 462 -0.30 2.41 -21.87
CA GLU A 462 -0.81 1.08 -22.23
C GLU A 462 -0.68 0.03 -21.14
N THR A 463 0.07 0.34 -20.07
CA THR A 463 0.39 -0.62 -19.02
C THR A 463 -0.22 -0.23 -17.68
N LEU A 464 -0.92 0.89 -17.67
CA LEU A 464 -1.27 1.60 -16.44
C LEU A 464 -2.63 1.25 -15.83
N LEU A 465 -3.58 0.79 -16.65
CA LEU A 465 -4.99 0.68 -16.22
C LEU A 465 -5.25 -0.05 -14.90
N ALA A 466 -4.84 -1.31 -14.80
CA ALA A 466 -5.16 -2.12 -13.62
C ALA A 466 -4.57 -1.54 -12.32
N TYR A 467 -3.33 -1.08 -12.38
CA TYR A 467 -2.68 -0.48 -11.21
C TYR A 467 -3.45 0.78 -10.79
N LEU A 468 -3.73 1.65 -11.74
CA LEU A 468 -4.49 2.86 -11.48
C LEU A 468 -5.84 2.58 -10.82
N VAL A 469 -6.58 1.62 -11.35
CA VAL A 469 -7.87 1.29 -10.74
C VAL A 469 -7.71 0.92 -9.26
N ARG A 470 -6.71 0.11 -8.94
CA ARG A 470 -6.50 -0.25 -7.53
C ARG A 470 -6.13 0.96 -6.66
N ARG A 471 -5.41 1.92 -7.22
CA ARG A 471 -5.10 3.15 -6.49
C ARG A 471 -6.35 3.99 -6.25
N LEU A 472 -7.28 3.96 -7.20
CA LEU A 472 -8.52 4.71 -7.04
C LEU A 472 -9.32 4.10 -5.90
N LEU A 473 -9.34 2.77 -5.84
CA LEU A 473 -10.11 2.07 -4.81
C LEU A 473 -9.50 2.32 -3.44
N GLU A 474 -8.17 2.36 -3.40
CA GLU A 474 -7.42 2.63 -2.17
C GLU A 474 -7.66 4.07 -1.70
N ASN A 475 -7.45 5.03 -2.59
CA ASN A 475 -7.55 6.45 -2.23
C ASN A 475 -8.97 6.93 -1.98
N GLY A 476 -9.93 6.33 -2.69
CA GLY A 476 -11.31 6.77 -2.65
C GLY A 476 -12.18 6.13 -1.59
N ALA A 477 -11.67 5.09 -0.93
CA ALA A 477 -12.47 4.37 0.07
C ALA A 477 -12.53 5.16 1.37
N ASN A 478 -13.73 5.34 1.93
CA ASN A 478 -13.85 6.13 3.15
C ASN A 478 -13.21 5.45 4.36
N THR A 479 -12.86 4.17 4.23
CA THR A 479 -12.17 3.46 5.30
C THR A 479 -10.66 3.65 5.25
N SER A 480 -10.14 4.15 4.13
CA SER A 480 -8.69 4.31 3.99
C SER A 480 -8.15 5.48 4.82
N PHE A 481 -7.03 5.25 5.50
CA PHE A 481 -6.32 6.28 6.22
C PHE A 481 -6.06 7.52 5.36
N VAL A 482 -5.58 7.32 4.14
CA VAL A 482 -5.25 8.45 3.26
C VAL A 482 -6.49 9.26 2.88
N ASN A 483 -7.66 8.64 2.93
CA ASN A 483 -8.92 9.33 2.68
C ASN A 483 -9.36 10.08 3.93
N ARG A 484 -9.29 9.37 5.06
CA ARG A 484 -9.70 9.92 6.35
C ARG A 484 -8.81 11.07 6.83
N ILE A 485 -7.52 11.04 6.52
CA ILE A 485 -6.63 12.11 6.98
C ILE A 485 -6.89 13.43 6.22
N ALA A 486 -7.44 13.33 5.01
CA ALA A 486 -7.72 14.51 4.19
C ALA A 486 -8.93 15.27 4.73
N ASP A 487 -9.75 14.55 5.49
CA ASP A 487 -10.98 15.08 6.06
C ASP A 487 -10.67 15.85 7.36
N THR A 488 -10.56 17.18 7.26
CA THR A 488 -10.22 18.02 8.41
C THR A 488 -11.29 18.01 9.52
N SER A 489 -12.41 17.33 9.24
CA SER A 489 -13.51 17.23 10.20
C SER A 489 -13.46 15.96 11.04
N LEU A 490 -12.55 15.04 10.70
CA LEU A 490 -12.36 13.82 11.47
C LEU A 490 -11.22 14.06 12.45
N PRO A 491 -11.52 13.98 13.77
CA PRO A 491 -10.54 14.31 14.81
C PRO A 491 -9.33 13.39 14.71
N LEU A 492 -8.14 13.94 14.97
CA LEU A 492 -6.91 13.17 14.85
C LEU A 492 -6.94 11.91 15.70
N ASP A 493 -7.45 12.01 16.93
CA ASP A 493 -7.53 10.85 17.83
C ASP A 493 -8.35 9.69 17.25
N GLU A 494 -9.42 10.00 16.51
CA GLU A 494 -10.19 8.97 15.83
C GLU A 494 -9.40 8.35 14.70
N LEU A 495 -8.72 9.21 13.96
CA LEU A 495 -7.95 8.80 12.80
C LEU A 495 -6.89 7.77 13.18
N VAL A 496 -6.25 7.99 14.32
CA VAL A 496 -5.16 7.11 14.76
C VAL A 496 -5.55 6.17 15.90
N ALA A 497 -6.84 5.90 16.02
CA ALA A 497 -7.36 5.04 17.08
C ALA A 497 -6.77 3.64 17.00
N ASP A 498 -6.52 3.03 18.15
CA ASP A 498 -5.95 1.68 18.21
C ASP A 498 -6.97 0.67 17.69
N PRO A 499 -6.56 -0.17 16.72
CA PRO A 499 -7.48 -1.14 16.09
C PRO A 499 -7.95 -2.24 17.03
N VAL A 500 -7.08 -2.72 17.93
CA VAL A 500 -7.50 -3.72 18.90
C VAL A 500 -8.61 -3.17 19.80
N THR A 501 -8.41 -1.94 20.29
CA THR A 501 -9.42 -1.30 21.13
C THR A 501 -10.71 -1.08 20.36
N ALA A 502 -10.58 -0.76 19.07
CA ALA A 502 -11.75 -0.55 18.22
C ALA A 502 -12.53 -1.85 18.06
N VAL A 503 -11.82 -2.97 17.92
CA VAL A 503 -12.47 -4.28 17.79
C VAL A 503 -13.19 -4.69 19.07
N GLU A 504 -12.61 -4.38 20.23
CA GLU A 504 -13.27 -4.69 21.48
C GLU A 504 -14.49 -3.81 21.70
N LYS A 505 -14.43 -2.58 21.21
CA LYS A 505 -15.58 -1.68 21.32
C LYS A 505 -16.73 -2.22 20.46
N LEU A 506 -16.42 -2.74 19.28
CA LEU A 506 -17.46 -3.33 18.43
C LEU A 506 -18.06 -4.54 19.11
N ALA A 507 -17.21 -5.35 19.72
CA ALA A 507 -17.64 -6.59 20.35
C ALA A 507 -18.56 -6.32 21.53
N GLN A 508 -18.29 -5.25 22.27
CA GLN A 508 -19.14 -4.91 23.41
C GLN A 508 -20.50 -4.37 22.95
N GLN A 509 -20.53 -3.70 21.81
CA GLN A 509 -21.78 -3.21 21.26
C GLN A 509 -22.61 -4.31 20.60
N GLU A 510 -21.92 -5.23 19.93
CA GLU A 510 -22.60 -6.17 19.03
C GLU A 510 -22.91 -7.52 19.65
N GLY A 511 -22.11 -7.93 20.63
CA GLY A 511 -22.44 -9.13 21.37
C GLY A 511 -21.43 -10.25 21.25
N GLN A 512 -20.53 -10.12 20.28
CA GLN A 512 -19.38 -11.02 20.16
C GLN A 512 -18.29 -10.39 19.28
N THR A 513 -17.09 -10.95 19.40
CA THR A 513 -15.90 -10.41 18.77
C THR A 513 -15.78 -10.88 17.31
N GLY A 514 -15.48 -9.95 16.41
CA GLY A 514 -15.13 -10.32 15.05
C GLY A 514 -16.31 -10.67 14.16
N LEU A 515 -17.48 -10.10 14.44
CA LEU A 515 -18.62 -10.30 13.54
C LEU A 515 -18.29 -9.68 12.18
N PRO A 516 -18.77 -10.31 11.08
CA PRO A 516 -18.54 -9.76 9.75
C PRO A 516 -19.20 -8.40 9.57
N HIS A 517 -18.75 -7.65 8.56
CA HIS A 517 -19.39 -6.40 8.18
C HIS A 517 -20.88 -6.62 7.98
N PRO A 518 -21.72 -5.76 8.57
CA PRO A 518 -23.18 -5.92 8.48
C PRO A 518 -23.71 -5.90 7.04
N LYS A 519 -22.96 -5.29 6.13
CA LYS A 519 -23.40 -5.17 4.75
C LYS A 519 -22.72 -6.20 3.85
N ILE A 520 -21.94 -7.09 4.45
CA ILE A 520 -21.29 -8.15 3.68
C ILE A 520 -21.59 -9.53 4.28
N PRO A 521 -22.80 -10.06 4.01
CA PRO A 521 -23.21 -11.37 4.49
C PRO A 521 -22.37 -12.46 3.84
N LEU A 522 -22.48 -13.69 4.35
CA LEU A 522 -21.77 -14.82 3.74
C LEU A 522 -22.30 -15.09 2.34
N PRO A 523 -21.42 -15.54 1.43
CA PRO A 523 -21.79 -15.81 0.02
C PRO A 523 -23.02 -16.69 -0.11
N ARG A 524 -23.15 -17.70 0.73
CA ARG A 524 -24.30 -18.60 0.67
C ARG A 524 -25.59 -17.99 1.26
N ASP A 525 -25.48 -16.79 1.82
CA ASP A 525 -26.63 -16.13 2.42
C ASP A 525 -27.25 -15.06 1.51
PA FAD B . -5.04 1.63 5.35
O1A FAD B . -6.06 2.75 4.99
O2A FAD B . -4.60 1.52 6.72
O5B FAD B . -5.52 0.23 5.09
C5B FAD B . -6.23 0.04 3.85
C4B FAD B . -6.44 -1.44 3.48
O4B FAD B . -7.45 -2.02 4.23
C3B FAD B . -6.90 -1.69 2.07
O3B FAD B . -5.89 -1.56 1.11
C2B FAD B . -7.35 -3.08 2.17
O2B FAD B . -6.28 -3.98 2.22
C1B FAD B . -7.97 -3.12 3.51
N9A FAD B . -9.41 -2.99 3.59
C8A FAD B . -10.19 -1.94 3.11
N7A FAD B . -11.48 -2.19 3.41
C5A FAD B . -11.57 -3.39 4.10
C6A FAD B . -12.62 -4.13 4.64
N6A FAD B . -13.97 -3.63 4.55
N1A FAD B . -12.35 -5.29 5.25
C2A FAD B . -11.09 -5.79 5.38
N3A FAD B . -10.05 -5.10 4.85
C4A FAD B . -10.26 -3.93 4.23
N1 FAD B . -0.96 -5.31 -1.85
C2 FAD B . -1.06 -6.54 -2.57
O2 FAD B . -2.25 -7.17 -2.60
N3 FAD B . 0.03 -7.13 -3.17
C4 FAD B . 1.26 -6.49 -3.15
O4 FAD B . 2.32 -7.10 -3.75
C4X FAD B . 1.41 -5.17 -2.49
N5 FAD B . 2.63 -4.47 -2.48
C5X FAD B . 2.70 -3.24 -1.85
C6 FAD B . 3.92 -2.53 -1.85
C7 FAD B . 4.00 -1.29 -1.19
C7M FAD B . 5.33 -0.55 -1.19
C8 FAD B . 2.90 -0.77 -0.55
C8M FAD B . 2.95 0.56 0.16
C9 FAD B . 1.68 -1.46 -0.54
C9A FAD B . 1.60 -2.70 -1.19
N10 FAD B . 0.34 -3.38 -1.20
C10 FAD B . 0.25 -4.63 -1.83
C1' FAD B . -0.81 -2.85 -0.45
C2' FAD B . -1.90 -2.12 -1.20
O2' FAD B . -1.39 -1.67 -2.38
C3' FAD B . -2.30 -0.94 -0.32
O3' FAD B . -1.36 0.07 -0.48
C4' FAD B . -2.41 -1.21 1.18
O4' FAD B . -3.29 -2.23 1.45
C5' FAD B . -2.78 0.06 1.95
O5' FAD B . -2.68 -0.14 3.34
P FAD B . -2.36 1.00 4.44
O1P FAD B . -1.74 0.55 5.80
O2P FAD B . -1.60 2.06 3.55
O3P FAD B . -3.80 1.78 4.51
OA TFB C . 0.91 -4.64 -5.64
CA TFB C . -0.01 -3.59 -5.40
C TFB C . -0.75 -3.24 -6.67
OB TFB C . -1.79 -2.51 -6.62
CB TFB C . 0.76 -2.45 -4.95
CG TFB C . 2.13 -2.68 -5.43
CD TFB C . 2.18 -4.07 -5.87
OXT TFB C . -0.34 -3.67 -7.80
OH2 1PE D . -8.35 11.63 -1.06
C12 1PE D . -7.27 10.75 -1.27
C22 1PE D . -6.16 11.18 -2.22
OH3 1PE D . -5.99 10.44 -3.40
C13 1PE D . -6.45 10.15 -5.84
C23 1PE D . -6.19 11.06 -4.64
OH4 1PE D . -6.94 10.77 -6.99
C14 1PE D . -9.16 11.07 -8.09
C24 1PE D . -7.97 10.18 -7.73
OH5 1PE D . -8.95 12.04 -9.08
C15 1PE D . -9.60 14.23 -10.07
C25 1PE D . -10.00 12.86 -9.52
OH6 1PE D . -8.59 14.24 -11.02
C16 1PE D . -6.77 15.42 -12.28
C26 1PE D . -8.03 15.46 -11.43
OH7 1PE D . -5.99 14.25 -12.27
OH3 1PE E . 16.60 -13.11 22.05
C13 1PE E . 15.76 -11.43 20.40
C23 1PE E . 15.54 -12.32 21.63
OH4 1PE E . 14.64 -10.99 19.69
C14 1PE E . 13.49 -9.29 18.25
C24 1PE E . 14.68 -9.73 19.09
OH5 1PE E . 12.47 -8.62 18.94
C15 1PE E . 11.05 -6.63 19.40
C25 1PE E . 12.33 -7.23 18.81
OH6 1PE E . 11.06 -6.33 20.77
#